data_5HZF
#
_entry.id   5HZF
#
_cell.length_a   80.996
_cell.length_b   52.911
_cell.length_c   89.894
_cell.angle_alpha   90.00
_cell.angle_beta   115.19
_cell.angle_gamma   90.00
#
_symmetry.space_group_name_H-M   'C 1 2 1'
#
loop_
_entity.id
_entity.type
_entity.pdbx_description
1 polymer 'Complement C1q subcomponent subunit A,Complement C1q subcomponent subunit C,Complement C1q subcomponent subunit B'
2 non-polymer 'MAGNESIUM ION'
3 water water
#
_entity_poly.entity_id   1
_entity_poly.type   'polypeptide(L)'
_entity_poly.pdbx_seq_one_letter_code
;KDQPRPAFSAIRRNPPMGGNVVIFDTVITNQEEPYQNHSGRFVCTVPGYYYFTFQVLSQWEICLSIVSSSRGQVRRSLGF
CDTTNKGLFQVVSGGMVLQLQQGDQVWVEKDPKKGHIYQGSEADSVFSGFLIFPSAGSGKQKFQSVFTVTRQTHQPPAPN
SLIRFNAVLTNPQGDYDTSTGKFTCKVPGLYYFVYHASHTANLCVLLYRSGVKVVTFCGHTSKTNQVNSGGVLLRLQVGE
EVWLAVNDYYDMVGIQGSDSVFSGFLLFPDGSAKATQKIAFSATRTINVPLRRDQTIRFDHVITNMNNNYEPRSGKFTCK
VPGLYYFTYHASSRGNLCVNLMRGRERAQKVVTFCDYAYNTFQVTTGGMVLKLEQGENVFLQATDKNSLLGMEGANSIFS
GFLLFPDMEA
;
_entity_poly.pdbx_strand_id   A
#
# COMPACT_ATOMS: atom_id res chain seq x y z
N GLN A 3 23.57 -6.68 9.24
CA GLN A 3 22.49 -6.82 8.27
C GLN A 3 21.91 -5.46 7.87
N PRO A 4 21.81 -5.20 6.57
CA PRO A 4 21.28 -3.91 6.12
C PRO A 4 19.80 -3.80 6.43
N ARG A 5 19.36 -2.59 6.80
CA ARG A 5 17.93 -2.35 7.06
C ARG A 5 17.42 -1.11 6.32
N PRO A 6 17.58 -1.04 5.00
CA PRO A 6 17.16 0.19 4.29
C PRO A 6 15.64 0.31 4.23
N ALA A 7 15.11 1.39 4.79
CA ALA A 7 13.66 1.57 4.79
C ALA A 7 13.36 3.03 5.06
N PHE A 8 12.37 3.61 4.39
CA PHE A 8 12.09 5.01 4.65
C PHE A 8 10.62 5.31 4.45
N SER A 9 10.18 6.41 5.07
CA SER A 9 8.96 7.10 4.70
C SER A 9 9.18 8.60 4.83
N ALA A 10 8.63 9.36 3.89
CA ALA A 10 8.73 10.80 3.96
C ALA A 10 7.42 11.42 3.51
N ILE A 11 7.14 12.61 4.02
CA ILE A 11 5.88 13.27 3.74
C ILE A 11 6.16 14.67 3.22
N ARG A 12 5.10 15.33 2.79
CA ARG A 12 5.19 16.71 2.34
C ARG A 12 4.79 17.69 3.44
N ARG A 13 5.58 18.74 3.57
CA ARG A 13 5.20 19.80 4.50
C ARG A 13 5.59 21.15 3.93
N ASN A 14 6.86 21.34 3.65
CA ASN A 14 7.36 22.57 3.04
C ASN A 14 8.28 22.16 1.92
N PRO A 15 7.72 21.56 0.87
CA PRO A 15 8.54 21.02 -0.20
C PRO A 15 9.11 22.14 -1.05
N PRO A 16 10.31 21.95 -1.60
CA PRO A 16 10.79 22.85 -2.65
C PRO A 16 9.84 22.89 -3.83
N MET A 17 9.88 24.01 -4.54
CA MET A 17 8.96 24.36 -5.62
C MET A 17 9.60 24.05 -6.96
N GLY A 18 8.88 23.32 -7.81
CA GLY A 18 9.19 23.27 -9.22
C GLY A 18 9.83 21.95 -9.62
N GLY A 19 9.82 21.71 -10.92
CA GLY A 19 10.25 20.42 -11.43
C GLY A 19 9.12 19.41 -11.36
N ASN A 20 9.30 18.31 -12.08
CA ASN A 20 8.26 17.27 -12.02
C ASN A 20 8.54 16.15 -11.05
N VAL A 21 9.69 16.17 -10.35
CA VAL A 21 9.96 15.24 -9.26
C VAL A 21 9.19 15.72 -8.03
N VAL A 22 8.41 14.81 -7.41
CA VAL A 22 7.66 15.15 -6.19
C VAL A 22 8.59 14.95 -5.02
N ILE A 23 8.94 16.04 -4.35
CA ILE A 23 9.89 16.01 -3.26
C ILE A 23 9.11 15.90 -1.96
N PHE A 24 9.34 14.83 -1.21
CA PHE A 24 8.74 14.64 0.10
C PHE A 24 9.81 15.11 1.07
N ASP A 25 9.64 16.33 1.60
CA ASP A 25 10.73 17.02 2.27
C ASP A 25 10.88 16.61 3.72
N THR A 26 9.84 16.05 4.34
CA THR A 26 9.86 15.80 5.78
C THR A 26 10.00 14.31 6.05
N VAL A 27 11.13 13.91 6.61
CA VAL A 27 11.40 12.49 6.80
C VAL A 27 10.75 12.03 8.09
N ILE A 28 9.98 10.95 8.00
CA ILE A 28 9.48 10.25 9.17
C ILE A 28 10.45 9.16 9.61
N THR A 29 10.92 8.36 8.65
CA THR A 29 11.83 7.24 8.89
C THR A 29 12.81 7.16 7.73
N ASN A 30 14.08 6.84 8.00
CA ASN A 30 15.08 6.83 6.92
C ASN A 30 16.28 6.00 7.38
N GLN A 31 16.01 4.73 7.67
CA GLN A 31 17.03 3.84 8.19
C GLN A 31 18.06 3.59 7.09
N GLU A 32 19.32 3.83 7.42
N GLU A 32 19.33 3.83 7.43
CA GLU A 32 20.50 3.80 6.55
CA GLU A 32 20.48 3.82 6.54
C GLU A 32 20.56 5.05 5.68
C GLU A 32 20.47 5.01 5.59
N GLU A 33 19.63 6.00 5.87
CA GLU A 33 19.52 7.25 5.10
C GLU A 33 19.55 7.10 3.57
N PRO A 34 18.87 6.14 2.97
CA PRO A 34 18.90 6.05 1.50
C PRO A 34 18.10 7.14 0.83
N TYR A 35 17.15 7.75 1.52
CA TYR A 35 16.26 8.71 0.90
C TYR A 35 16.78 10.13 1.11
N GLN A 36 16.74 10.92 0.05
CA GLN A 36 17.25 12.29 0.07
C GLN A 36 16.09 13.27 0.08
N ASN A 37 15.87 13.94 1.23
N ASN A 37 15.88 13.94 1.22
CA ASN A 37 14.70 14.79 1.35
CA ASN A 37 14.70 14.79 1.35
C ASN A 37 14.83 16.08 0.54
C ASN A 37 14.84 16.13 0.63
N HIS A 38 16.06 16.49 0.20
CA HIS A 38 16.25 17.70 -0.60
C HIS A 38 15.93 17.48 -2.08
N SER A 39 15.96 16.23 -2.55
CA SER A 39 15.74 15.91 -3.95
C SER A 39 14.55 15.01 -4.21
N GLY A 40 14.04 14.30 -3.21
CA GLY A 40 12.96 13.36 -3.44
C GLY A 40 13.42 11.99 -3.92
N ARG A 41 14.73 11.75 -3.98
CA ARG A 41 15.25 10.53 -4.59
C ARG A 41 15.72 9.56 -3.52
N PHE A 42 15.28 8.33 -3.65
CA PHE A 42 15.88 7.19 -2.97
C PHE A 42 17.10 6.72 -3.74
N VAL A 43 18.17 6.45 -3.03
CA VAL A 43 19.41 5.92 -3.63
C VAL A 43 19.67 4.51 -3.11
N CYS A 44 19.81 3.55 -4.00
CA CYS A 44 20.10 2.16 -3.59
C CYS A 44 21.57 1.97 -3.24
N THR A 45 21.85 1.46 -2.03
CA THR A 45 23.20 0.99 -1.66
C THR A 45 23.26 -0.52 -1.69
N VAL A 46 22.25 -1.16 -1.11
CA VAL A 46 22.18 -2.61 -1.01
C VAL A 46 21.37 -3.12 -2.20
N PRO A 47 21.98 -3.89 -3.12
CA PRO A 47 21.22 -4.35 -4.29
C PRO A 47 20.22 -5.41 -3.86
N GLY A 48 19.08 -5.42 -4.52
CA GLY A 48 18.09 -6.42 -4.20
C GLY A 48 16.71 -5.97 -4.63
N TYR A 49 15.71 -6.69 -4.11
CA TYR A 49 14.32 -6.37 -4.41
C TYR A 49 13.76 -5.46 -3.32
N TYR A 50 13.15 -4.38 -3.74
CA TYR A 50 12.58 -3.36 -2.87
C TYR A 50 11.12 -3.19 -3.21
N TYR A 51 10.34 -2.78 -2.23
CA TYR A 51 8.96 -2.33 -2.47
C TYR A 51 8.90 -0.83 -2.30
N PHE A 52 8.24 -0.14 -3.25
CA PHE A 52 7.99 1.29 -3.15
C PHE A 52 6.51 1.56 -3.27
N THR A 53 6.05 2.56 -2.53
CA THR A 53 4.62 2.87 -2.63
C THR A 53 4.38 4.31 -2.23
N PHE A 54 3.32 4.91 -2.77
CA PHE A 54 2.99 6.28 -2.39
C PHE A 54 1.49 6.39 -2.17
N GLN A 55 1.10 7.37 -1.35
CA GLN A 55 -0.30 7.74 -1.12
C GLN A 55 -0.31 9.26 -1.10
N VAL A 56 -0.79 9.89 -2.17
CA VAL A 56 -0.61 11.32 -2.36
C VAL A 56 -1.98 11.96 -2.50
N LEU A 57 -2.13 13.09 -1.82
CA LEU A 57 -3.40 13.78 -1.69
C LEU A 57 -3.50 14.88 -2.73
N SER A 58 -4.62 14.88 -3.46
CA SER A 58 -4.92 15.87 -4.47
C SER A 58 -6.33 16.36 -4.22
N GLN A 59 -6.64 17.54 -4.77
CA GLN A 59 -7.98 18.07 -4.79
C GLN A 59 -8.48 18.27 -6.21
N TRP A 60 -7.66 18.00 -7.23
CA TRP A 60 -8.10 18.29 -8.60
C TRP A 60 -7.75 17.15 -9.54
N GLU A 61 -6.68 17.27 -10.33
CA GLU A 61 -6.21 16.15 -11.15
C GLU A 61 -4.77 15.87 -10.82
N ILE A 62 -4.43 14.60 -10.68
CA ILE A 62 -3.07 14.19 -10.38
CA ILE A 62 -3.07 14.19 -10.38
C ILE A 62 -2.76 12.88 -11.09
N CYS A 63 -1.60 12.81 -11.73
CA CYS A 63 -1.11 11.55 -12.25
C CYS A 63 0.33 11.42 -11.81
N LEU A 64 0.69 10.31 -11.17
CA LEU A 64 2.01 10.08 -10.59
C LEU A 64 2.61 8.79 -11.12
N SER A 65 3.94 8.72 -11.09
N SER A 65 3.94 8.72 -11.13
CA SER A 65 4.58 7.50 -11.52
CA SER A 65 4.59 7.49 -11.53
C SER A 65 5.82 7.31 -10.69
C SER A 65 5.84 7.31 -10.70
N ILE A 66 6.11 6.06 -10.31
CA ILE A 66 7.36 5.70 -9.65
C ILE A 66 8.35 5.43 -10.77
N VAL A 67 9.42 6.21 -10.85
N VAL A 67 9.41 6.24 -10.84
CA VAL A 67 10.37 6.12 -11.95
CA VAL A 67 10.43 6.20 -11.88
C VAL A 67 11.78 5.97 -11.38
C VAL A 67 11.72 5.73 -11.22
N SER A 68 12.60 5.12 -12.01
CA SER A 68 13.92 4.81 -11.48
C SER A 68 14.98 5.18 -12.50
N SER A 69 16.24 5.10 -12.08
CA SER A 69 17.34 5.30 -13.00
C SER A 69 18.38 4.23 -12.74
N SER A 70 19.12 3.92 -13.78
CA SER A 70 20.28 3.03 -13.71
C SER A 70 21.39 3.67 -14.53
N ARG A 71 22.56 3.83 -13.91
CA ARG A 71 23.65 4.55 -14.56
C ARG A 71 23.17 5.90 -15.08
N GLY A 72 22.24 6.52 -14.35
CA GLY A 72 21.72 7.83 -14.69
C GLY A 72 20.72 7.83 -15.82
N GLN A 73 20.40 6.67 -16.40
CA GLN A 73 19.45 6.56 -17.50
C GLN A 73 18.07 6.34 -16.92
N VAL A 74 17.11 7.21 -17.25
CA VAL A 74 15.80 7.18 -16.63
C VAL A 74 14.98 6.03 -17.18
N ARG A 75 14.22 5.36 -16.29
CA ARG A 75 13.39 4.21 -16.63
C ARG A 75 11.97 4.55 -16.23
N ARG A 76 11.14 4.90 -17.21
CA ARG A 76 9.75 5.25 -16.98
C ARG A 76 8.95 3.99 -16.68
N SER A 77 7.79 4.16 -16.05
CA SER A 77 7.07 3.00 -15.57
C SER A 77 5.58 3.34 -15.48
N LEU A 78 4.87 2.48 -14.75
CA LEU A 78 3.43 2.59 -14.61
C LEU A 78 3.04 3.89 -13.94
N GLY A 79 1.83 4.32 -14.23
CA GLY A 79 1.35 5.52 -13.62
C GLY A 79 0.04 5.28 -12.91
N PHE A 80 -0.30 6.21 -12.00
CA PHE A 80 -1.55 6.12 -11.24
C PHE A 80 -2.17 7.52 -11.17
N CYS A 81 -3.47 7.64 -11.48
CA CYS A 81 -4.12 8.95 -11.56
C CYS A 81 -5.38 9.02 -10.72
N ASP A 82 -5.69 10.22 -10.26
CA ASP A 82 -7.05 10.51 -9.79
C ASP A 82 -7.48 11.80 -10.47
N THR A 83 -8.58 11.76 -11.23
CA THR A 83 -9.02 12.95 -11.97
C THR A 83 -10.41 13.36 -11.57
N THR A 84 -10.78 13.09 -10.30
CA THR A 84 -12.12 13.46 -9.81
C THR A 84 -12.40 14.94 -10.04
N ASN A 85 -11.43 15.79 -9.71
CA ASN A 85 -11.43 17.19 -10.14
C ASN A 85 -12.57 18.00 -9.57
N LYS A 86 -12.89 17.82 -8.28
CA LYS A 86 -13.99 18.54 -7.68
C LYS A 86 -13.61 19.37 -6.46
N GLY A 87 -12.33 19.49 -6.15
CA GLY A 87 -11.92 20.28 -5.01
C GLY A 87 -11.86 19.52 -3.70
N LEU A 88 -12.28 18.27 -3.68
CA LEU A 88 -12.30 17.46 -2.48
C LEU A 88 -11.08 16.57 -2.42
N PHE A 89 -10.59 16.35 -1.20
CA PHE A 89 -9.47 15.44 -0.95
C PHE A 89 -9.69 14.10 -1.61
N GLN A 90 -8.75 13.69 -2.46
CA GLN A 90 -8.69 12.34 -2.99
C GLN A 90 -7.27 11.84 -2.84
N VAL A 91 -7.13 10.58 -2.45
CA VAL A 91 -5.79 9.97 -2.33
C VAL A 91 -5.54 9.09 -3.55
N VAL A 92 -4.47 9.40 -4.32
CA VAL A 92 -4.03 8.54 -5.40
C VAL A 92 -2.93 7.66 -4.82
N SER A 93 -2.94 6.37 -5.16
CA SER A 93 -1.97 5.43 -4.59
C SER A 93 -1.41 4.56 -5.69
N GLY A 94 -0.22 4.00 -5.43
CA GLY A 94 0.43 3.13 -6.39
C GLY A 94 1.64 2.50 -5.73
N GLY A 95 2.13 1.45 -6.32
CA GLY A 95 3.27 0.76 -5.70
C GLY A 95 3.76 -0.35 -6.60
N MET A 96 5.02 -0.75 -6.37
CA MET A 96 5.56 -1.87 -7.13
C MET A 96 6.84 -2.37 -6.48
N VAL A 97 7.16 -3.62 -6.73
CA VAL A 97 8.49 -4.17 -6.44
C VAL A 97 9.46 -3.73 -7.55
N LEU A 98 10.66 -3.30 -7.16
CA LEU A 98 11.72 -2.97 -8.12
C LEU A 98 12.96 -3.74 -7.73
N GLN A 99 13.60 -4.37 -8.69
CA GLN A 99 14.92 -4.97 -8.48
C GLN A 99 15.96 -3.89 -8.79
N LEU A 100 16.81 -3.57 -7.80
CA LEU A 100 17.72 -2.45 -7.95
C LEU A 100 19.15 -2.92 -7.81
N GLN A 101 20.01 -2.18 -8.50
CA GLN A 101 21.47 -2.27 -8.39
C GLN A 101 22.01 -1.07 -7.61
N GLN A 102 23.20 -1.25 -7.04
CA GLN A 102 23.88 -0.17 -6.34
C GLN A 102 23.98 1.07 -7.20
N GLY A 103 23.55 2.22 -6.66
CA GLY A 103 23.57 3.46 -7.42
C GLY A 103 22.29 3.78 -8.12
N ASP A 104 21.39 2.80 -8.25
CA ASP A 104 20.10 3.11 -8.86
C ASP A 104 19.34 4.08 -7.96
N GLN A 105 18.52 4.93 -8.58
CA GLN A 105 17.72 5.89 -7.86
C GLN A 105 16.26 5.66 -8.20
N VAL A 106 15.38 6.02 -7.28
CA VAL A 106 13.94 5.82 -7.43
C VAL A 106 13.25 7.06 -6.91
N TRP A 107 12.20 7.51 -7.61
CA TRP A 107 11.51 8.72 -7.17
C TRP A 107 10.11 8.72 -7.76
N VAL A 108 9.28 9.66 -7.30
CA VAL A 108 7.92 9.82 -7.79
C VAL A 108 7.92 11.06 -8.67
N GLU A 109 7.32 10.93 -9.86
CA GLU A 109 7.22 12.05 -10.77
C GLU A 109 5.76 12.35 -11.05
N LYS A 110 5.44 13.63 -11.18
CA LYS A 110 4.11 14.02 -11.58
C LYS A 110 4.05 14.38 -13.07
N ASP A 111 2.87 14.18 -13.64
CA ASP A 111 2.56 14.64 -14.98
C ASP A 111 2.47 16.16 -14.97
N PRO A 112 3.26 16.87 -15.78
CA PRO A 112 3.20 18.34 -15.71
C PRO A 112 1.81 18.90 -16.02
N LYS A 113 0.92 18.14 -16.68
CA LYS A 113 -0.44 18.59 -16.96
C LYS A 113 -1.45 18.22 -15.88
N LYS A 114 -1.16 17.23 -15.05
CA LYS A 114 -2.08 16.78 -14.01
C LYS A 114 -1.22 16.58 -12.77
N GLY A 115 -0.88 17.67 -12.12
CA GLY A 115 0.10 17.60 -11.05
C GLY A 115 -0.34 18.27 -9.77
N HIS A 116 -1.65 18.32 -9.49
CA HIS A 116 -2.09 19.00 -8.28
C HIS A 116 -1.87 18.13 -7.04
N ILE A 117 -1.08 18.66 -6.11
CA ILE A 117 -0.81 17.98 -4.86
C ILE A 117 -1.17 18.95 -3.75
N TYR A 118 -2.00 18.49 -2.82
CA TYR A 118 -2.42 19.34 -1.72
C TYR A 118 -1.22 19.89 -0.94
N GLN A 119 -1.34 21.16 -0.56
CA GLN A 119 -0.39 21.82 0.31
C GLN A 119 -1.13 22.38 1.51
N GLY A 120 -0.85 21.85 2.70
CA GLY A 120 -1.42 22.39 3.91
C GLY A 120 -1.29 21.38 5.03
N SER A 121 -1.92 21.69 6.15
CA SER A 121 -1.73 20.93 7.38
C SER A 121 -2.89 19.99 7.67
N GLU A 122 -3.91 19.95 6.83
CA GLU A 122 -5.08 19.17 7.15
C GLU A 122 -4.82 17.67 6.99
N ALA A 123 -3.98 17.29 6.02
CA ALA A 123 -3.75 15.88 5.77
C ALA A 123 -2.44 15.73 4.99
N ASP A 124 -2.01 14.48 4.80
CA ASP A 124 -0.65 14.21 4.38
C ASP A 124 -0.56 13.36 3.12
N SER A 125 0.61 13.47 2.48
CA SER A 125 1.04 12.65 1.34
C SER A 125 2.35 11.96 1.73
N VAL A 126 2.52 10.69 1.35
N VAL A 126 2.49 10.69 1.34
CA VAL A 126 3.65 9.92 1.84
CA VAL A 126 3.59 9.86 1.81
C VAL A 126 4.23 9.06 0.73
C VAL A 126 4.25 9.19 0.62
N PHE A 127 5.54 8.91 0.76
CA PHE A 127 6.31 8.08 -0.15
C PHE A 127 7.12 7.14 0.73
N SER A 128 7.05 5.83 0.47
CA SER A 128 7.70 4.83 1.34
C SER A 128 8.42 3.79 0.51
N GLY A 129 9.44 3.17 1.11
CA GLY A 129 10.15 2.12 0.41
C GLY A 129 10.93 1.28 1.40
N PHE A 130 11.14 0.02 1.05
CA PHE A 130 11.96 -0.79 1.96
C PHE A 130 12.51 -1.99 1.20
N LEU A 131 13.64 -2.49 1.70
CA LEU A 131 14.23 -3.67 1.09
C LEU A 131 13.38 -4.88 1.46
N ILE A 132 13.10 -5.74 0.47
CA ILE A 132 12.38 -7.01 0.69
C ILE A 132 13.34 -8.16 0.81
N PHE A 133 14.24 -8.32 -0.19
CA PHE A 133 15.25 -9.39 -0.23
C PHE A 133 16.53 -8.78 -0.79
N PRO A 134 17.64 -8.92 -0.11
CA PRO A 134 18.93 -8.60 -0.71
C PRO A 134 19.27 -9.62 -1.79
N SER A 135 19.95 -9.15 -2.83
CA SER A 135 20.36 -10.03 -3.91
C SER A 135 21.76 -10.52 -3.56
N ALA A 136 21.87 -11.82 -3.27
CA ALA A 136 23.14 -12.41 -2.84
C ALA A 136 22.98 -13.92 -2.70
N LYS A 140 18.17 -18.56 -0.59
CA LYS A 140 18.07 -17.31 -1.32
C LYS A 140 17.00 -17.41 -2.42
N GLN A 141 17.36 -17.08 -3.67
CA GLN A 141 16.36 -16.78 -4.71
C GLN A 141 15.27 -17.85 -4.81
N LYS A 142 15.67 -19.13 -4.73
CA LYS A 142 14.68 -20.21 -4.72
C LYS A 142 13.84 -20.19 -3.46
N PHE A 143 14.41 -19.72 -2.34
CA PHE A 143 13.73 -19.61 -1.06
C PHE A 143 13.20 -18.21 -0.81
N GLN A 144 13.02 -17.44 -1.88
CA GLN A 144 12.32 -16.17 -1.82
C GLN A 144 11.06 -16.28 -2.66
N SER A 145 10.24 -15.24 -2.58
CA SER A 145 9.11 -15.17 -3.49
C SER A 145 8.70 -13.72 -3.65
N VAL A 146 8.63 -13.23 -4.89
CA VAL A 146 8.25 -11.85 -5.12
C VAL A 146 7.66 -11.73 -6.51
N PHE A 147 6.66 -10.84 -6.67
CA PHE A 147 6.16 -10.51 -8.01
C PHE A 147 5.49 -9.16 -7.99
N THR A 148 5.61 -8.45 -9.12
CA THR A 148 4.72 -7.38 -9.51
C THR A 148 4.26 -7.63 -10.94
N VAL A 149 2.94 -7.73 -11.13
CA VAL A 149 2.34 -7.98 -12.44
C VAL A 149 1.33 -6.89 -12.73
N THR A 150 1.01 -6.72 -14.01
N THR A 150 1.07 -6.67 -14.02
CA THR A 150 0.14 -5.60 -14.38
CA THR A 150 0.18 -5.60 -14.45
C THR A 150 -0.77 -6.03 -15.52
C THR A 150 -0.87 -6.15 -15.40
N ARG A 151 -1.89 -5.34 -15.65
CA ARG A 151 -2.93 -5.73 -16.58
C ARG A 151 -2.80 -4.74 -17.72
N GLN A 152 -2.32 -5.21 -18.87
CA GLN A 152 -2.06 -4.36 -20.01
C GLN A 152 -3.03 -4.75 -21.10
N THR A 153 -4.19 -4.10 -21.06
CA THR A 153 -5.27 -4.23 -22.00
C THR A 153 -6.25 -3.12 -21.68
N HIS A 154 -6.90 -2.65 -22.71
CA HIS A 154 -7.89 -1.61 -22.58
C HIS A 154 -9.26 -2.17 -22.29
N GLN A 155 -9.43 -3.46 -22.44
CA GLN A 155 -10.72 -4.11 -22.25
C GLN A 155 -10.82 -4.59 -20.81
N PRO A 156 -11.92 -4.32 -20.11
CA PRO A 156 -12.01 -4.68 -18.70
C PRO A 156 -12.22 -6.18 -18.55
N PRO A 157 -12.01 -6.73 -17.37
CA PRO A 157 -12.35 -8.14 -17.14
C PRO A 157 -13.83 -8.38 -17.35
N ALA A 158 -14.17 -9.65 -17.51
CA ALA A 158 -15.57 -10.05 -17.56
C ALA A 158 -16.19 -9.93 -16.16
N PRO A 159 -17.46 -9.58 -16.05
CA PRO A 159 -18.09 -9.51 -14.74
C PRO A 159 -17.97 -10.86 -14.03
N ASN A 160 -17.83 -10.82 -12.70
CA ASN A 160 -17.80 -12.03 -11.87
C ASN A 160 -16.76 -13.06 -12.37
N SER A 161 -15.55 -12.57 -12.59
CA SER A 161 -14.48 -13.41 -13.09
C SER A 161 -13.16 -13.08 -12.42
N LEU A 162 -12.22 -14.01 -12.57
CA LEU A 162 -10.85 -13.81 -12.09
C LEU A 162 -10.14 -12.75 -12.94
N ILE A 163 -9.39 -11.84 -12.28
CA ILE A 163 -8.66 -10.77 -12.98
C ILE A 163 -7.32 -11.33 -13.44
N ARG A 164 -7.08 -11.37 -14.74
CA ARG A 164 -5.80 -11.81 -15.27
C ARG A 164 -4.87 -10.62 -15.40
N PHE A 165 -3.72 -10.71 -14.77
CA PHE A 165 -2.61 -9.79 -15.03
C PHE A 165 -1.67 -10.42 -16.04
N ASN A 166 -1.66 -9.88 -17.26
CA ASN A 166 -0.98 -10.57 -18.34
C ASN A 166 0.49 -10.18 -18.47
N ALA A 167 0.90 -9.09 -17.86
CA ALA A 167 2.23 -8.58 -18.07
C ALA A 167 2.99 -8.60 -16.76
N VAL A 168 4.29 -8.91 -16.85
CA VAL A 168 5.13 -9.10 -15.69
C VAL A 168 6.11 -7.95 -15.60
N LEU A 169 6.17 -7.30 -14.43
CA LEU A 169 7.29 -6.40 -14.17
C LEU A 169 8.44 -7.12 -13.48
N THR A 170 8.12 -7.97 -12.48
CA THR A 170 9.11 -8.92 -11.95
C THR A 170 8.36 -10.14 -11.45
N ASN A 171 8.95 -11.33 -11.63
CA ASN A 171 8.30 -12.57 -11.25
C ASN A 171 9.38 -13.65 -11.23
N PRO A 172 10.47 -13.48 -10.47
CA PRO A 172 11.66 -14.32 -10.70
C PRO A 172 11.48 -15.79 -10.38
N GLN A 173 10.51 -16.14 -9.52
CA GLN A 173 10.25 -17.53 -9.18
C GLN A 173 9.10 -18.10 -9.98
N GLY A 174 8.46 -17.25 -10.81
CA GLY A 174 7.30 -17.70 -11.54
C GLY A 174 6.09 -17.99 -10.67
N ASP A 175 6.04 -17.41 -9.48
CA ASP A 175 4.99 -17.79 -8.55
C ASP A 175 3.64 -17.24 -8.98
N TYR A 176 3.59 -16.10 -9.70
CA TYR A 176 2.37 -15.67 -10.37
C TYR A 176 2.39 -16.24 -11.79
N ASP A 177 1.30 -16.88 -12.18
CA ASP A 177 1.22 -17.52 -13.50
C ASP A 177 0.34 -16.64 -14.41
N THR A 178 0.94 -15.99 -15.41
CA THR A 178 0.14 -15.08 -16.23
C THR A 178 -0.84 -15.80 -17.15
N SER A 179 -0.66 -17.10 -17.37
N SER A 179 -0.72 -17.11 -17.34
CA SER A 179 -1.64 -17.84 -18.17
CA SER A 179 -1.66 -17.81 -18.21
C SER A 179 -2.94 -18.03 -17.39
C SER A 179 -2.87 -18.37 -17.45
N THR A 180 -2.83 -18.41 -16.11
CA THR A 180 -4.01 -18.74 -15.29
C THR A 180 -4.50 -17.55 -14.48
N GLY A 181 -3.65 -16.55 -14.28
CA GLY A 181 -4.03 -15.45 -13.43
C GLY A 181 -3.86 -15.69 -11.95
N LYS A 182 -3.24 -16.80 -11.55
CA LYS A 182 -3.14 -17.14 -10.14
C LYS A 182 -1.70 -17.16 -9.66
N PHE A 183 -1.52 -16.75 -8.41
CA PHE A 183 -0.31 -17.02 -7.65
C PHE A 183 -0.45 -18.39 -6.99
N THR A 184 0.58 -19.23 -7.07
CA THR A 184 0.60 -20.48 -6.32
C THR A 184 1.81 -20.49 -5.39
N CYS A 185 1.57 -20.80 -4.12
CA CYS A 185 2.66 -20.80 -3.15
C CYS A 185 3.64 -21.95 -3.38
N LYS A 186 4.93 -21.61 -3.46
CA LYS A 186 6.02 -22.58 -3.44
C LYS A 186 6.68 -22.64 -2.06
N VAL A 187 7.00 -21.49 -1.49
CA VAL A 187 7.70 -21.41 -0.21
C VAL A 187 6.68 -21.05 0.84
N PRO A 188 6.37 -21.97 1.76
CA PRO A 188 5.30 -21.67 2.72
C PRO A 188 5.73 -20.59 3.73
N GLY A 189 4.81 -19.71 4.07
CA GLY A 189 5.10 -18.69 5.06
C GLY A 189 4.15 -17.52 4.91
N LEU A 190 4.54 -16.41 5.54
CA LEU A 190 3.69 -15.22 5.62
C LEU A 190 3.98 -14.29 4.44
N TYR A 191 2.95 -13.95 3.68
CA TYR A 191 3.01 -13.13 2.48
C TYR A 191 2.26 -11.83 2.68
N TYR A 192 2.74 -10.78 2.01
CA TYR A 192 1.95 -9.58 1.78
C TYR A 192 1.45 -9.58 0.34
N PHE A 193 0.17 -9.24 0.17
CA PHE A 193 -0.41 -9.06 -1.16
C PHE A 193 -1.05 -7.68 -1.21
N VAL A 194 -0.92 -6.99 -2.35
CA VAL A 194 -1.43 -5.63 -2.43
C VAL A 194 -1.72 -5.33 -3.90
N TYR A 195 -2.76 -4.52 -4.17
CA TYR A 195 -3.01 -4.13 -5.55
C TYR A 195 -3.40 -2.66 -5.59
N HIS A 196 -3.24 -2.08 -6.77
CA HIS A 196 -3.72 -0.72 -7.10
C HIS A 196 -4.31 -0.81 -8.49
N ALA A 197 -5.63 -0.63 -8.61
CA ALA A 197 -6.33 -0.86 -9.86
C ALA A 197 -7.02 0.45 -10.30
N SER A 198 -6.76 0.87 -11.54
CA SER A 198 -7.35 2.11 -12.08
C SER A 198 -8.68 1.80 -12.75
N HIS A 199 -9.64 2.72 -12.62
CA HIS A 199 -10.96 2.44 -13.15
C HIS A 199 -11.68 3.76 -13.40
N THR A 200 -12.63 3.72 -14.36
CA THR A 200 -13.41 4.90 -14.71
C THR A 200 -14.91 4.59 -14.65
N ALA A 201 -15.26 3.43 -14.14
CA ALA A 201 -16.63 3.11 -13.73
C ALA A 201 -16.50 2.29 -12.46
N ASN A 202 -17.63 1.85 -11.89
CA ASN A 202 -17.54 1.13 -10.61
C ASN A 202 -16.65 -0.11 -10.68
N LEU A 203 -15.90 -0.33 -9.62
CA LEU A 203 -15.02 -1.50 -9.53
C LEU A 203 -14.95 -2.05 -8.12
N CYS A 204 -15.21 -3.35 -7.98
CA CYS A 204 -14.95 -4.07 -6.73
C CYS A 204 -13.91 -5.12 -7.03
N VAL A 205 -12.88 -5.17 -6.22
CA VAL A 205 -11.84 -6.17 -6.34
C VAL A 205 -11.95 -7.09 -5.13
N LEU A 206 -11.95 -8.38 -5.37
CA LEU A 206 -12.04 -9.38 -4.33
C LEU A 206 -10.74 -10.18 -4.37
N LEU A 207 -10.17 -10.46 -3.20
CA LEU A 207 -8.97 -11.26 -3.11
C LEU A 207 -9.39 -12.63 -2.59
N TYR A 208 -9.04 -13.68 -3.32
CA TYR A 208 -9.35 -15.06 -2.97
C TYR A 208 -8.09 -15.79 -2.49
N ARG A 209 -8.27 -16.68 -1.52
CA ARG A 209 -7.23 -17.62 -1.09
C ARG A 209 -7.82 -19.01 -1.10
N SER A 210 -7.29 -19.89 -1.95
CA SER A 210 -7.71 -21.29 -2.06
C SER A 210 -9.23 -21.41 -2.10
N GLY A 211 -9.86 -20.57 -2.92
CA GLY A 211 -11.28 -20.70 -3.16
C GLY A 211 -12.18 -19.92 -2.25
N VAL A 212 -11.64 -19.22 -1.25
CA VAL A 212 -12.44 -18.48 -0.29
C VAL A 212 -12.15 -16.99 -0.42
N LYS A 213 -13.20 -16.20 -0.43
CA LYS A 213 -13.03 -14.75 -0.48
C LYS A 213 -12.45 -14.26 0.84
N VAL A 214 -11.39 -13.47 0.78
CA VAL A 214 -10.74 -12.93 1.97
C VAL A 214 -11.18 -11.50 2.27
N VAL A 215 -11.05 -10.59 1.29
CA VAL A 215 -11.39 -9.18 1.45
C VAL A 215 -11.91 -8.67 0.13
N THR A 216 -12.72 -7.61 0.20
CA THR A 216 -13.36 -6.98 -0.96
C THR A 216 -13.24 -5.49 -0.75
N PHE A 217 -12.85 -4.74 -1.80
CA PHE A 217 -12.84 -3.28 -1.72
C PHE A 217 -13.44 -2.71 -2.98
N CYS A 218 -14.32 -1.70 -2.82
CA CYS A 218 -15.05 -1.15 -3.94
C CYS A 218 -14.84 0.35 -4.03
N GLY A 219 -14.81 0.81 -5.26
CA GLY A 219 -14.72 2.24 -5.53
C GLY A 219 -15.71 2.58 -6.61
N HIS A 220 -16.51 3.61 -6.41
CA HIS A 220 -17.48 4.01 -7.41
C HIS A 220 -17.04 5.30 -8.09
N THR A 221 -17.21 5.37 -9.41
CA THR A 221 -16.97 6.61 -10.14
C THR A 221 -17.78 6.58 -11.41
N SER A 222 -18.09 7.77 -11.93
CA SER A 222 -18.61 7.89 -13.28
C SER A 222 -17.63 8.77 -14.05
N LYS A 223 -17.11 8.22 -15.15
CA LYS A 223 -16.31 8.96 -16.10
C LYS A 223 -14.89 9.20 -15.59
N THR A 224 -14.73 9.75 -14.38
CA THR A 224 -13.37 10.17 -14.01
C THR A 224 -12.62 9.01 -13.35
N ASN A 225 -11.27 9.10 -13.40
CA ASN A 225 -10.39 7.99 -13.06
C ASN A 225 -10.02 8.01 -11.58
N GLN A 226 -10.08 6.84 -10.94
CA GLN A 226 -9.63 6.68 -9.56
C GLN A 226 -8.86 5.36 -9.42
N VAL A 227 -8.24 5.18 -8.26
CA VAL A 227 -7.45 3.97 -7.99
C VAL A 227 -8.11 3.25 -6.83
N ASN A 228 -8.51 2.03 -7.06
CA ASN A 228 -8.99 1.13 -6.01
C ASN A 228 -7.78 0.36 -5.49
N SER A 229 -7.57 0.38 -4.16
N SER A 229 -7.52 0.40 -4.18
CA SER A 229 -6.45 -0.33 -3.56
CA SER A 229 -6.38 -0.34 -3.63
C SER A 229 -6.96 -1.32 -2.52
C SER A 229 -6.80 -1.18 -2.44
N GLY A 230 -6.13 -2.32 -2.27
CA GLY A 230 -6.45 -3.27 -1.22
C GLY A 230 -5.27 -4.16 -0.96
N GLY A 231 -5.30 -4.85 0.17
CA GLY A 231 -4.15 -5.71 0.46
C GLY A 231 -4.36 -6.41 1.78
N VAL A 232 -3.53 -7.44 2.03
CA VAL A 232 -3.72 -8.27 3.23
C VAL A 232 -2.50 -9.14 3.42
N LEU A 233 -2.22 -9.53 4.67
CA LEU A 233 -1.13 -10.44 5.01
C LEU A 233 -1.74 -11.82 5.23
N LEU A 234 -1.20 -12.83 4.54
CA LEU A 234 -1.73 -14.20 4.64
C LEU A 234 -0.61 -15.18 4.86
N ARG A 235 -0.82 -16.09 5.79
CA ARG A 235 0.13 -17.16 6.04
C ARG A 235 -0.30 -18.38 5.23
N LEU A 236 0.51 -18.73 4.22
CA LEU A 236 0.14 -19.70 3.20
C LEU A 236 0.94 -21.00 3.28
N GLN A 237 0.30 -22.11 2.87
CA GLN A 237 0.95 -23.40 2.75
C GLN A 237 1.28 -23.70 1.28
N VAL A 238 2.21 -24.64 1.08
CA VAL A 238 2.58 -25.01 -0.28
C VAL A 238 1.34 -25.38 -1.07
N GLY A 239 1.26 -24.85 -2.29
CA GLY A 239 0.22 -25.22 -3.20
C GLY A 239 -1.01 -24.35 -3.11
N GLU A 240 -1.09 -23.48 -2.10
CA GLU A 240 -2.24 -22.60 -1.99
C GLU A 240 -2.22 -21.55 -3.09
N GLU A 241 -3.42 -21.21 -3.57
CA GLU A 241 -3.58 -20.24 -4.63
C GLU A 241 -4.14 -18.92 -4.11
N VAL A 242 -3.70 -17.82 -4.71
CA VAL A 242 -4.22 -16.51 -4.38
C VAL A 242 -4.47 -15.79 -5.68
N TRP A 243 -5.60 -15.09 -5.78
CA TRP A 243 -5.90 -14.36 -7.01
C TRP A 243 -6.88 -13.25 -6.71
N LEU A 244 -7.01 -12.34 -7.68
CA LEU A 244 -7.98 -11.26 -7.62
C LEU A 244 -9.13 -11.54 -8.57
N ALA A 245 -10.31 -11.02 -8.22
CA ALA A 245 -11.48 -11.18 -9.08
C ALA A 245 -12.33 -9.92 -8.96
N VAL A 246 -13.31 -9.81 -9.85
CA VAL A 246 -14.30 -8.73 -9.81
C VAL A 246 -15.68 -9.36 -9.62
N ASN A 247 -16.62 -8.52 -9.19
CA ASN A 247 -18.01 -8.95 -9.13
C ASN A 247 -18.83 -8.28 -10.23
N ASP A 248 -20.07 -7.81 -9.97
CA ASP A 248 -20.78 -7.12 -11.04
C ASP A 248 -20.17 -5.76 -11.36
N TYR A 249 -19.36 -5.23 -10.47
CA TYR A 249 -18.63 -3.97 -10.71
C TYR A 249 -17.21 -4.31 -11.15
N TYR A 250 -16.96 -4.24 -12.45
CA TYR A 250 -15.80 -4.91 -13.03
C TYR A 250 -14.88 -3.95 -13.76
N ASP A 251 -15.14 -2.64 -13.72
CA ASP A 251 -14.39 -1.75 -14.63
C ASP A 251 -12.91 -1.62 -14.25
N MET A 252 -11.99 -1.88 -15.19
CA MET A 252 -10.56 -1.61 -14.99
C MET A 252 -10.01 -0.81 -16.15
N VAL A 253 -10.80 0.13 -16.61
CA VAL A 253 -10.43 0.97 -17.74
C VAL A 253 -9.84 2.26 -17.17
N GLY A 254 -8.52 2.30 -17.07
CA GLY A 254 -7.89 3.53 -16.66
C GLY A 254 -7.78 4.51 -17.81
N ILE A 255 -7.72 5.78 -17.48
CA ILE A 255 -7.30 6.77 -18.46
C ILE A 255 -5.85 6.55 -18.85
N GLN A 256 -5.39 7.27 -19.88
CA GLN A 256 -3.99 7.25 -20.23
C GLN A 256 -3.11 7.68 -19.10
N GLY A 257 -2.15 6.82 -18.79
CA GLY A 257 -1.27 7.04 -17.69
C GLY A 257 -1.70 6.49 -16.36
N SER A 258 -2.82 5.74 -16.28
CA SER A 258 -3.26 5.16 -15.01
C SER A 258 -3.44 3.67 -15.20
N ASP A 259 -2.63 2.87 -14.52
CA ASP A 259 -2.46 1.44 -14.72
C ASP A 259 -3.00 0.65 -13.54
N SER A 260 -2.91 -0.67 -13.64
CA SER A 260 -3.39 -1.54 -12.58
C SER A 260 -2.29 -2.55 -12.29
N VAL A 261 -1.96 -2.74 -11.01
CA VAL A 261 -0.81 -3.55 -10.59
C VAL A 261 -1.24 -4.47 -9.45
N PHE A 262 -0.57 -5.63 -9.33
CA PHE A 262 -0.82 -6.59 -8.26
C PHE A 262 0.56 -7.09 -7.86
N SER A 263 0.90 -7.02 -6.56
CA SER A 263 2.23 -7.43 -6.09
C SER A 263 2.05 -8.39 -4.93
N GLY A 264 3.04 -9.26 -4.73
CA GLY A 264 3.05 -10.00 -3.48
C GLY A 264 4.46 -10.42 -3.17
N PHE A 265 4.73 -10.66 -1.88
CA PHE A 265 6.09 -11.12 -1.59
C PHE A 265 6.05 -11.84 -0.25
N LEU A 266 6.97 -12.78 -0.10
CA LEU A 266 7.14 -13.53 1.13
C LEU A 266 7.86 -12.66 2.14
N LEU A 267 7.30 -12.59 3.35
CA LEU A 267 7.98 -11.87 4.43
C LEU A 267 8.65 -12.79 5.43
N PHE A 268 7.99 -13.87 5.83
CA PHE A 268 8.51 -14.78 6.85
C PHE A 268 8.33 -16.22 6.35
N PRO A 269 9.39 -16.88 5.91
CA PRO A 269 9.27 -18.32 5.63
C PRO A 269 8.98 -19.12 6.90
N ASP A 270 8.11 -20.10 6.80
N ASP A 270 8.07 -20.09 6.77
CA ASP A 270 7.92 -20.94 7.98
CA ASP A 270 7.93 -21.11 7.80
C ASP A 270 9.03 -21.99 8.07
C ASP A 270 9.24 -21.85 8.02
N GLY A 271 9.54 -22.18 9.28
CA GLY A 271 10.66 -23.07 9.52
C GLY A 271 12.02 -22.47 9.22
N SER A 272 12.11 -21.14 9.23
CA SER A 272 13.36 -20.45 9.05
C SER A 272 13.48 -19.43 10.17
N ALA A 273 14.69 -19.30 10.72
CA ALA A 273 15.00 -18.22 11.65
C ALA A 273 14.22 -18.34 12.96
N LYS A 274 13.89 -17.19 13.56
CA LYS A 274 13.36 -17.12 14.92
C LYS A 274 11.89 -16.71 14.91
N ALA A 275 11.03 -17.59 15.44
CA ALA A 275 9.59 -17.34 15.36
C ALA A 275 9.16 -16.12 16.18
N THR A 276 9.93 -15.75 17.21
CA THR A 276 9.61 -14.60 18.03
C THR A 276 9.62 -13.30 17.25
N GLN A 277 10.27 -13.26 16.09
CA GLN A 277 10.36 -12.06 15.30
C GLN A 277 9.54 -12.14 14.03
N LYS A 278 8.78 -13.20 13.83
CA LYS A 278 7.83 -13.24 12.72
C LYS A 278 6.58 -12.51 13.20
N ILE A 279 6.54 -11.20 12.99
CA ILE A 279 5.50 -10.35 13.56
C ILE A 279 4.72 -9.71 12.42
N ALA A 280 3.43 -10.04 12.34
CA ALA A 280 2.60 -9.52 11.27
C ALA A 280 1.15 -9.64 11.69
N PHE A 281 0.35 -8.64 11.36
CA PHE A 281 -1.08 -8.73 11.61
C PHE A 281 -1.86 -8.11 10.46
N SER A 282 -3.07 -8.63 10.26
CA SER A 282 -4.07 -8.06 9.38
C SER A 282 -5.40 -8.27 10.07
N ALA A 283 -6.18 -7.21 10.24
CA ALA A 283 -7.43 -7.33 10.97
C ALA A 283 -8.46 -6.45 10.28
N THR A 284 -9.67 -6.93 10.13
CA THR A 284 -10.71 -6.13 9.50
C THR A 284 -11.66 -5.60 10.57
N ARG A 285 -12.41 -4.56 10.20
CA ARG A 285 -13.44 -3.99 11.07
C ARG A 285 -14.82 -4.46 10.64
N THR A 286 -15.55 -5.08 11.56
CA THR A 286 -16.86 -5.58 11.20
C THR A 286 -17.95 -4.95 12.04
N ILE A 287 -17.62 -4.02 12.92
CA ILE A 287 -18.61 -3.30 13.71
C ILE A 287 -18.91 -1.98 13.01
N ASN A 288 -20.19 -1.57 13.04
CA ASN A 288 -20.66 -0.39 12.31
C ASN A 288 -21.17 0.70 13.24
N VAL A 289 -20.83 0.62 14.53
CA VAL A 289 -21.12 1.73 15.45
C VAL A 289 -20.41 2.98 14.96
N PRO A 290 -21.06 4.14 14.93
CA PRO A 290 -20.39 5.36 14.45
C PRO A 290 -19.23 5.74 15.36
N LEU A 291 -18.09 6.04 14.74
CA LEU A 291 -16.95 6.52 15.49
C LEU A 291 -17.18 7.95 15.97
N ARG A 292 -16.50 8.31 17.04
CA ARG A 292 -16.48 9.70 17.48
C ARG A 292 -15.04 10.19 17.44
N ARG A 293 -14.89 11.51 17.43
CA ARG A 293 -13.58 12.14 17.34
C ARG A 293 -12.68 11.70 18.50
N ASP A 294 -11.42 11.39 18.15
CA ASP A 294 -10.34 10.93 19.01
C ASP A 294 -10.51 9.49 19.50
N GLN A 295 -11.48 8.76 18.99
CA GLN A 295 -11.66 7.37 19.38
C GLN A 295 -10.68 6.48 18.61
N THR A 296 -10.08 5.52 19.30
CA THR A 296 -9.26 4.53 18.62
C THR A 296 -10.16 3.66 17.77
N ILE A 297 -9.77 3.43 16.52
CA ILE A 297 -10.56 2.62 15.59
C ILE A 297 -10.20 1.15 15.78
N ARG A 298 -11.15 0.37 16.24
CA ARG A 298 -10.96 -1.05 16.51
C ARG A 298 -11.18 -1.86 15.22
N PHE A 299 -10.20 -2.71 14.88
CA PHE A 299 -10.36 -3.70 13.82
C PHE A 299 -10.50 -5.05 14.53
N ASP A 300 -11.73 -5.52 14.64
CA ASP A 300 -12.08 -6.56 15.58
C ASP A 300 -11.83 -7.97 15.06
N HIS A 301 -11.76 -8.16 13.73
CA HIS A 301 -11.70 -9.48 13.12
C HIS A 301 -10.28 -9.77 12.63
N VAL A 302 -9.62 -10.71 13.27
CA VAL A 302 -8.22 -11.03 12.96
C VAL A 302 -8.18 -11.99 11.77
N ILE A 303 -7.46 -11.61 10.74
CA ILE A 303 -7.11 -12.55 9.68
C ILE A 303 -5.75 -13.20 9.97
N THR A 304 -4.80 -12.37 10.39
CA THR A 304 -3.43 -12.76 10.71
C THR A 304 -3.01 -12.00 11.96
N ASN A 305 -2.36 -12.69 12.89
CA ASN A 305 -1.78 -12.01 14.05
C ASN A 305 -0.60 -12.83 14.57
N MET A 306 0.40 -13.08 13.71
CA MET A 306 1.56 -13.82 14.17
C MET A 306 2.31 -13.07 15.26
N ASN A 307 2.52 -13.80 16.35
CA ASN A 307 3.15 -13.41 17.61
C ASN A 307 2.29 -12.47 18.44
N ASN A 308 1.03 -12.28 18.07
CA ASN A 308 0.02 -11.71 18.94
C ASN A 308 0.42 -10.34 19.48
N ASN A 309 0.98 -9.48 18.62
CA ASN A 309 1.27 -8.13 19.08
C ASN A 309 0.19 -7.14 18.70
N TYR A 310 -0.82 -7.59 17.97
CA TYR A 310 -2.01 -6.80 17.70
C TYR A 310 -3.14 -7.24 18.63
N GLU A 311 -3.83 -6.25 19.21
CA GLU A 311 -4.91 -6.51 20.15
C GLU A 311 -6.24 -6.13 19.50
N PRO A 312 -7.01 -7.10 18.97
CA PRO A 312 -8.26 -6.74 18.26
C PRO A 312 -9.31 -6.15 19.19
N ARG A 313 -9.13 -6.34 20.47
CA ARG A 313 -10.16 -5.80 21.31
C ARG A 313 -9.94 -4.29 21.55
N SER A 314 -8.75 -3.77 21.27
CA SER A 314 -8.48 -2.34 21.32
C SER A 314 -8.24 -1.71 19.96
N GLY A 315 -7.75 -2.48 18.98
CA GLY A 315 -7.29 -1.88 17.75
C GLY A 315 -5.86 -1.40 17.78
N LYS A 316 -5.14 -1.66 18.85
CA LYS A 316 -3.77 -1.17 18.98
C LYS A 316 -2.78 -2.28 18.71
N PHE A 317 -1.74 -1.95 17.95
CA PHE A 317 -0.54 -2.76 17.88
C PHE A 317 0.40 -2.29 18.97
N THR A 318 1.01 -3.21 19.69
CA THR A 318 2.02 -2.86 20.68
C THR A 318 3.33 -3.58 20.37
N CYS A 319 4.42 -2.80 20.28
CA CYS A 319 5.70 -3.35 19.89
C CYS A 319 6.32 -4.20 20.99
N LYS A 320 6.67 -5.44 20.65
CA LYS A 320 7.54 -6.26 21.49
C LYS A 320 9.00 -6.26 21.02
N VAL A 321 9.20 -6.49 19.73
CA VAL A 321 10.53 -6.58 19.12
C VAL A 321 10.84 -5.22 18.50
N PRO A 322 11.79 -4.47 19.03
CA PRO A 322 12.15 -3.17 18.43
C PRO A 322 12.60 -3.35 17.00
N GLY A 323 12.24 -2.40 16.15
CA GLY A 323 12.67 -2.47 14.77
C GLY A 323 11.83 -1.57 13.88
N LEU A 324 12.00 -1.79 12.59
CA LEU A 324 11.28 -1.06 11.55
C LEU A 324 10.08 -1.88 11.16
N TYR A 325 8.92 -1.23 11.07
CA TYR A 325 7.66 -1.86 10.75
C TYR A 325 6.99 -1.07 9.65
N TYR A 326 6.23 -1.76 8.81
CA TYR A 326 5.39 -1.08 7.83
C TYR A 326 3.95 -1.28 8.24
N PHE A 327 3.21 -0.18 8.31
CA PHE A 327 1.80 -0.19 8.66
C PHE A 327 1.00 0.30 7.47
N THR A 328 -0.21 -0.25 7.30
CA THR A 328 -0.96 0.10 6.12
C THR A 328 -2.44 -0.14 6.42
N TYR A 329 -3.31 0.56 5.71
CA TYR A 329 -4.73 0.28 5.88
C TYR A 329 -5.44 0.56 4.58
N HIS A 330 -6.61 -0.03 4.45
CA HIS A 330 -7.50 0.29 3.34
C HIS A 330 -8.86 0.45 3.96
N ALA A 331 -9.49 1.60 3.78
CA ALA A 331 -10.78 1.82 4.43
C ALA A 331 -11.85 2.10 3.40
N SER A 332 -12.94 1.33 3.47
CA SER A 332 -14.14 1.62 2.70
C SER A 332 -14.92 2.72 3.38
N SER A 333 -15.62 3.52 2.57
CA SER A 333 -16.24 4.71 3.12
C SER A 333 -17.33 5.16 2.16
N ARG A 334 -18.33 5.85 2.72
CA ARG A 334 -19.43 6.41 1.96
C ARG A 334 -19.56 7.92 2.12
N GLY A 335 -18.55 8.56 2.68
CA GLY A 335 -18.59 9.98 2.91
C GLY A 335 -17.18 10.41 3.23
N ASN A 336 -17.06 11.51 3.99
CA ASN A 336 -15.74 12.07 4.24
C ASN A 336 -15.06 11.31 5.37
N LEU A 337 -13.79 10.97 5.17
CA LEU A 337 -13.06 10.17 6.15
C LEU A 337 -11.67 10.75 6.33
N CYS A 338 -11.31 11.10 7.57
N CYS A 338 -11.31 11.14 7.56
CA CYS A 338 -9.93 11.37 7.95
CA CYS A 338 -9.92 11.38 7.92
C CYS A 338 -9.54 10.47 9.10
C CYS A 338 -9.55 10.47 9.08
N VAL A 339 -8.35 9.89 9.02
CA VAL A 339 -7.83 9.02 10.08
C VAL A 339 -6.47 9.55 10.50
N ASN A 340 -6.23 9.61 11.80
CA ASN A 340 -4.90 9.89 12.32
C ASN A 340 -4.13 8.59 12.56
N LEU A 341 -2.90 8.51 12.04
CA LEU A 341 -2.01 7.39 12.39
C LEU A 341 -1.23 7.77 13.64
N MET A 342 -1.38 6.95 14.68
N MET A 342 -1.38 6.97 14.70
CA MET A 342 -0.90 7.25 16.03
CA MET A 342 -0.90 7.34 16.02
C MET A 342 0.33 6.44 16.36
C MET A 342 0.27 6.45 16.43
N ARG A 343 1.23 7.05 17.14
CA ARG A 343 2.38 6.33 17.69
C ARG A 343 2.70 6.92 19.06
N GLY A 344 2.95 6.07 20.04
CA GLY A 344 3.43 6.55 21.32
C GLY A 344 3.21 5.49 22.39
N ARG A 345 3.23 5.94 23.64
CA ARG A 345 3.01 4.93 24.67
C ARG A 345 1.62 5.10 25.29
N GLU A 346 1.53 5.40 26.59
CA GLU A 346 0.22 5.70 27.15
C GLU A 346 -0.37 6.94 26.49
N ARG A 347 0.46 7.93 26.22
CA ARG A 347 0.07 9.16 25.54
C ARG A 347 0.64 9.11 24.12
N ALA A 348 -0.22 8.86 23.13
CA ALA A 348 0.27 8.72 21.77
C ALA A 348 0.16 10.04 21.00
N GLN A 349 0.98 10.15 19.95
CA GLN A 349 1.13 11.37 19.17
C GLN A 349 0.80 11.05 17.72
N LYS A 350 0.27 12.06 17.02
CA LYS A 350 -0.04 11.94 15.60
C LYS A 350 1.23 11.89 14.77
N VAL A 351 1.32 10.90 13.87
CA VAL A 351 2.38 10.87 12.86
C VAL A 351 1.91 11.60 11.61
N VAL A 352 0.75 11.17 11.06
CA VAL A 352 0.15 11.78 9.88
C VAL A 352 -1.36 11.68 10.02
N THR A 353 -2.07 12.46 9.20
CA THR A 353 -3.50 12.29 8.98
C THR A 353 -3.70 12.00 7.51
N PHE A 354 -4.53 11.03 7.21
CA PHE A 354 -4.90 10.71 5.84
C PHE A 354 -6.36 11.06 5.70
N CYS A 355 -6.69 11.93 4.72
N CYS A 355 -6.69 11.85 4.69
CA CYS A 355 -8.07 12.29 4.43
CA CYS A 355 -8.08 12.16 4.45
C CYS A 355 -8.43 11.92 2.98
C CYS A 355 -8.44 11.94 3.00
N ASP A 356 -9.66 11.48 2.78
CA ASP A 356 -10.16 11.17 1.45
C ASP A 356 -11.66 11.41 1.48
N TYR A 357 -12.13 12.35 0.68
CA TYR A 357 -13.51 12.80 0.74
C TYR A 357 -14.32 12.15 -0.37
N ALA A 358 -15.61 12.01 -0.11
CA ALA A 358 -16.45 11.32 -1.08
C ALA A 358 -17.81 11.95 -0.93
N TYR A 359 -18.38 12.35 -2.04
CA TYR A 359 -19.68 13.00 -2.01
C TYR A 359 -20.68 12.04 -2.63
N ASN A 360 -21.60 11.56 -1.80
CA ASN A 360 -22.69 10.72 -2.25
C ASN A 360 -22.20 9.57 -3.13
N THR A 361 -21.17 8.87 -2.66
CA THR A 361 -20.64 7.75 -3.41
C THR A 361 -19.93 6.81 -2.44
N PHE A 362 -19.34 5.74 -2.98
CA PHE A 362 -18.60 4.77 -2.20
C PHE A 362 -17.14 4.80 -2.64
N GLN A 363 -16.24 4.73 -1.67
CA GLN A 363 -14.80 4.89 -1.95
C GLN A 363 -14.02 3.87 -1.15
N VAL A 364 -12.77 3.64 -1.57
CA VAL A 364 -11.82 2.93 -0.74
C VAL A 364 -10.58 3.79 -0.72
N THR A 365 -10.06 4.05 0.47
CA THR A 365 -8.85 4.86 0.54
C THR A 365 -7.79 4.09 1.30
N THR A 366 -6.58 4.61 1.25
CA THR A 366 -5.46 3.88 1.81
C THR A 366 -4.42 4.86 2.36
N GLY A 367 -3.63 4.36 3.28
CA GLY A 367 -2.46 5.09 3.75
C GLY A 367 -1.48 4.06 4.27
N GLY A 368 -0.23 4.48 4.44
CA GLY A 368 0.79 3.54 4.89
C GLY A 368 1.94 4.35 5.43
N MET A 369 2.79 3.69 6.23
CA MET A 369 3.92 4.35 6.85
C MET A 369 4.91 3.30 7.36
N VAL A 370 6.19 3.56 7.13
CA VAL A 370 7.27 2.86 7.81
C VAL A 370 7.57 3.61 9.10
N LEU A 371 7.66 2.89 10.22
CA LEU A 371 7.92 3.49 11.51
C LEU A 371 8.97 2.67 12.23
N LYS A 372 9.90 3.37 12.90
CA LYS A 372 10.78 2.74 13.86
C LYS A 372 10.06 2.71 15.19
N LEU A 373 10.09 1.57 15.86
CA LEU A 373 9.35 1.43 17.11
C LEU A 373 10.27 0.92 18.18
N GLU A 374 10.06 1.42 19.40
CA GLU A 374 10.63 0.88 20.62
C GLU A 374 9.71 -0.16 21.24
N GLN A 375 10.31 -1.03 22.05
CA GLN A 375 9.54 -1.95 22.89
C GLN A 375 8.54 -1.17 23.73
N GLY A 376 7.27 -1.53 23.61
CA GLY A 376 6.23 -0.91 24.40
C GLY A 376 5.43 0.17 23.69
N GLU A 377 5.92 0.69 22.55
CA GLU A 377 5.19 1.72 21.82
C GLU A 377 3.99 1.13 21.09
N ASN A 378 2.89 1.89 21.08
CA ASN A 378 1.63 1.52 20.44
C ASN A 378 1.55 2.23 19.08
N VAL A 379 0.91 1.56 18.12
CA VAL A 379 0.57 2.15 16.83
C VAL A 379 -0.88 1.78 16.56
N PHE A 380 -1.67 2.76 16.13
CA PHE A 380 -3.11 2.53 15.91
C PHE A 380 -3.67 3.66 15.07
N LEU A 381 -4.90 3.46 14.61
CA LEU A 381 -5.62 4.47 13.86
C LEU A 381 -6.66 5.12 14.77
N GLN A 382 -6.80 6.44 14.62
CA GLN A 382 -7.67 7.24 15.47
C GLN A 382 -8.68 8.00 14.62
N ALA A 383 -9.95 8.02 15.07
CA ALA A 383 -10.98 8.69 14.30
C ALA A 383 -10.94 10.20 14.50
N THR A 384 -11.51 10.91 13.52
CA THR A 384 -11.71 12.37 13.56
C THR A 384 -13.20 12.66 13.45
N ASP A 385 -13.53 13.94 13.27
CA ASP A 385 -14.91 14.33 12.98
C ASP A 385 -15.40 13.87 11.60
N LYS A 386 -14.48 13.55 10.70
CA LYS A 386 -14.83 12.94 9.40
C LYS A 386 -14.68 11.44 9.59
N ASN A 387 -15.82 10.77 9.81
CA ASN A 387 -15.83 9.42 10.38
C ASN A 387 -16.60 8.45 9.52
N SER A 388 -16.78 8.73 8.23
CA SER A 388 -17.49 7.78 7.38
C SER A 388 -16.61 6.58 7.05
N LEU A 389 -16.75 5.51 7.83
CA LEU A 389 -15.96 4.30 7.66
C LEU A 389 -16.91 3.12 7.62
N LEU A 390 -16.82 2.30 6.59
CA LEU A 390 -17.65 1.11 6.45
C LEU A 390 -16.79 -0.12 6.72
N GLY A 391 -17.38 -1.13 7.34
CA GLY A 391 -16.73 -2.41 7.55
C GLY A 391 -17.72 -3.55 7.45
N MET A 392 -17.71 -4.25 6.32
CA MET A 392 -18.75 -5.23 6.02
C MET A 392 -18.25 -6.14 4.93
N GLU A 393 -18.87 -7.31 4.82
CA GLU A 393 -18.57 -8.17 3.69
C GLU A 393 -18.94 -7.43 2.41
N GLY A 394 -18.02 -7.42 1.45
CA GLY A 394 -18.24 -6.69 0.21
C GLY A 394 -17.84 -5.23 0.24
N ALA A 395 -17.46 -4.68 1.39
CA ALA A 395 -16.76 -3.40 1.46
C ALA A 395 -15.98 -3.36 2.75
N ASN A 396 -14.79 -3.97 2.75
CA ASN A 396 -14.02 -4.17 3.97
C ASN A 396 -13.23 -2.93 4.35
N SER A 397 -12.85 -2.87 5.63
CA SER A 397 -11.78 -1.97 6.08
C SER A 397 -10.80 -2.81 6.86
N ILE A 398 -9.51 -2.66 6.54
CA ILE A 398 -8.48 -3.53 7.08
C ILE A 398 -7.31 -2.68 7.55
N PHE A 399 -6.63 -3.16 8.58
CA PHE A 399 -5.43 -2.53 9.15
C PHE A 399 -4.40 -3.63 9.31
N SER A 400 -3.19 -3.39 8.77
CA SER A 400 -2.14 -4.40 8.71
C SER A 400 -0.81 -3.81 9.13
N GLY A 401 0.09 -4.67 9.61
CA GLY A 401 1.43 -4.24 9.92
C GLY A 401 2.37 -5.42 9.95
N PHE A 402 3.65 -5.16 9.64
CA PHE A 402 4.62 -6.26 9.71
C PHE A 402 6.02 -5.72 9.99
N LEU A 403 6.80 -6.56 10.66
CA LEU A 403 8.21 -6.26 10.93
C LEU A 403 9.00 -6.34 9.64
N LEU A 404 9.82 -5.32 9.38
CA LEU A 404 10.83 -5.38 8.35
C LEU A 404 12.14 -5.91 8.95
N PHE A 405 12.83 -6.78 8.20
CA PHE A 405 14.18 -7.34 8.50
C PHE A 405 14.24 -8.25 9.72
N PRO A 406 13.54 -9.39 9.70
CA PRO A 406 13.57 -10.29 10.88
C PRO A 406 14.95 -10.88 11.17
N ASP A 407 15.59 -11.52 10.20
CA ASP A 407 16.79 -12.28 10.49
C ASP A 407 17.85 -12.15 9.40
#